data_5LCM
#
_entry.id   5LCM
#
_cell.length_a   53.041
_cell.length_b   53.041
_cell.length_c   131.345
_cell.angle_alpha   90.00
_cell.angle_beta   90.00
_cell.angle_gamma   90.00
#
_symmetry.space_group_name_H-M   'P 41'
#
loop_
_entity.id
_entity.type
_entity.pdbx_description
1 polymer 'DNA repair protein RAD14'
2 polymer "DNA (5'-D(*GP*CP*TP*CP*TP*AP*CP*(AAN)P*TP*CP*AP*TP*CP*A)-3')"
3 polymer "DNA (5'-D(*GP*TP*GP*AP*TP*GP*AP*CP*GP*TP*AP*GP*AP*G)-3')"
4 non-polymer 'ZINC ION'
5 water water
#
loop_
_entity_poly.entity_id
_entity_poly.type
_entity_poly.pdbx_seq_one_letter_code
_entity_poly.pdbx_strand_id
1 'polypeptide(L)'
;APKCIECHINIEMDPVLHDVFKLQVCKQCSKEHPEKYALLTKTECKEDYFLTDPELNDEDLFHRLEKPNPHSGTFARMQL
FVRCEVEAFAFKKWGGEEGLDEEWQRREEGKAHRREKKY
;
A,B
2 'polydeoxyribonucleotide' (DG)(DC)(DT)(DC)(DT)(DA)(DC)(6TW)(DT)(DC)(DA)(DT)(DC)(DA)(DC) C
3 'polydeoxyribonucleotide' (DG)(DT)(DG)(DA)(DT)(DG)(DA)(DC)(DG)(DT)(DA)(DG)(DA)(DG)(DC) D
#
# COMPACT_ATOMS: atom_id res chain seq x y z
N ALA A 1 -21.13 42.36 -5.89
CA ALA A 1 -19.96 41.59 -6.45
C ALA A 1 -18.97 41.20 -5.32
N PRO A 2 -18.74 39.91 -5.09
CA PRO A 2 -17.97 39.42 -3.93
C PRO A 2 -16.50 39.88 -3.83
N LYS A 3 -16.00 40.20 -2.63
CA LYS A 3 -14.63 40.73 -2.49
C LYS A 3 -13.67 39.68 -1.97
N CYS A 4 -12.41 39.84 -2.30
CA CYS A 4 -11.40 38.96 -1.80
C CYS A 4 -11.39 39.00 -0.25
N ILE A 5 -11.31 37.85 0.38
CA ILE A 5 -11.37 37.75 1.86
C ILE A 5 -10.11 38.31 2.58
N GLU A 6 -9.00 38.54 1.91
CA GLU A 6 -7.83 39.21 2.57
C GLU A 6 -7.86 40.70 2.38
N CYS A 7 -7.89 41.15 1.14
CA CYS A 7 -7.80 42.57 0.85
C CYS A 7 -9.14 43.30 0.93
N HIS A 8 -10.25 42.57 0.80
CA HIS A 8 -11.58 43.20 0.68
C HIS A 8 -11.75 44.24 -0.42
N ILE A 9 -10.95 44.15 -1.49
CA ILE A 9 -10.95 45.12 -2.56
C ILE A 9 -11.14 44.47 -3.93
N ASN A 10 -10.26 43.55 -4.29
CA ASN A 10 -10.34 42.80 -5.54
C ASN A 10 -11.65 41.93 -5.68
N ILE A 11 -12.14 41.87 -6.90
CA ILE A 11 -13.27 41.02 -7.22
C ILE A 11 -12.88 39.88 -8.18
N GLU A 12 -11.65 39.83 -8.67
CA GLU A 12 -11.21 38.75 -9.59
C GLU A 12 -10.33 37.85 -8.73
N MET A 13 -10.78 36.64 -8.48
CA MET A 13 -10.14 35.76 -7.61
C MET A 13 -9.10 34.94 -8.36
N ASP A 14 -8.12 34.42 -7.62
CA ASP A 14 -7.12 33.52 -8.23
C ASP A 14 -7.84 32.32 -8.79
N PRO A 15 -7.60 31.98 -10.10
CA PRO A 15 -8.47 30.90 -10.58
C PRO A 15 -8.21 29.58 -9.88
N VAL A 16 -6.95 29.26 -9.57
CA VAL A 16 -6.65 27.99 -8.89
C VAL A 16 -7.23 27.95 -7.50
N LEU A 17 -6.92 28.97 -6.68
CA LEU A 17 -7.42 28.99 -5.33
C LEU A 17 -8.96 29.01 -5.23
N HIS A 18 -9.64 29.61 -6.19
CA HIS A 18 -11.04 29.69 -6.18
C HIS A 18 -11.64 28.38 -6.71
N ASP A 19 -11.27 28.00 -7.91
CA ASP A 19 -11.91 26.83 -8.59
C ASP A 19 -11.56 25.54 -7.92
N VAL A 20 -10.32 25.40 -7.52
CA VAL A 20 -9.83 24.09 -6.99
C VAL A 20 -9.93 24.08 -5.48
N PHE A 21 -9.55 25.19 -4.83
CA PHE A 21 -9.45 25.18 -3.39
C PHE A 21 -10.61 25.87 -2.66
N LYS A 22 -11.58 26.41 -3.43
CA LYS A 22 -12.81 27.03 -2.88
C LYS A 22 -12.49 28.23 -1.99
N LEU A 23 -11.48 29.01 -2.37
CA LEU A 23 -11.10 30.20 -1.59
C LEU A 23 -11.31 31.44 -2.40
N GLN A 24 -11.93 32.41 -1.78
CA GLN A 24 -12.29 33.67 -2.39
C GLN A 24 -11.15 34.63 -2.12
N VAL A 25 -10.06 34.39 -2.86
CA VAL A 25 -8.76 35.08 -2.67
C VAL A 25 -8.13 35.43 -3.99
N CYS A 26 -7.77 36.70 -4.13
CA CYS A 26 -7.13 37.18 -5.31
C CYS A 26 -5.71 36.69 -5.33
N LYS A 27 -5.18 36.71 -6.55
CA LYS A 27 -3.84 36.29 -6.86
C LYS A 27 -2.81 37.10 -6.06
N GLN A 28 -2.97 38.42 -5.94
CA GLN A 28 -1.92 39.24 -5.29
C GLN A 28 -1.89 38.93 -3.79
N CYS A 29 -3.08 38.78 -3.21
CA CYS A 29 -3.17 38.38 -1.82
C CYS A 29 -2.64 36.95 -1.62
N SER A 30 -2.82 36.08 -2.56
CA SER A 30 -2.23 34.72 -2.37
C SER A 30 -0.67 34.79 -2.24
N LYS A 31 -0.03 35.55 -3.12
CA LYS A 31 1.44 35.79 -3.08
C LYS A 31 1.90 36.51 -1.83
N GLU A 32 1.09 37.42 -1.36
CA GLU A 32 1.40 38.15 -0.15
C GLU A 32 1.20 37.36 1.14
N HIS A 33 0.46 36.25 1.09
CA HIS A 33 0.28 35.46 2.30
C HIS A 33 0.58 33.97 2.07
N PRO A 34 1.85 33.62 1.76
CA PRO A 34 2.16 32.21 1.47
C PRO A 34 1.88 31.25 2.68
N GLU A 35 1.84 31.85 3.86
CA GLU A 35 1.57 31.11 5.12
C GLU A 35 0.18 30.57 5.17
N LYS A 36 -0.74 31.11 4.34
CA LYS A 36 -2.07 30.54 4.13
C LYS A 36 -2.20 29.86 2.80
N TYR A 37 -1.60 30.40 1.73
CA TYR A 37 -2.10 30.10 0.39
C TYR A 37 -1.08 29.41 -0.47
N ALA A 38 0.13 29.18 0.00
CA ALA A 38 1.18 28.55 -0.86
C ALA A 38 0.70 27.15 -1.17
N LEU A 39 1.00 26.65 -2.38
CA LEU A 39 0.72 25.27 -2.80
C LEU A 39 1.94 24.39 -2.54
N LEU A 40 1.73 23.23 -1.96
CA LEU A 40 2.79 22.42 -1.53
C LEU A 40 2.61 21.08 -2.26
N THR A 41 3.74 20.53 -2.68
CA THR A 41 3.66 19.19 -3.21
C THR A 41 3.27 18.13 -2.15
N LYS A 42 2.94 16.95 -2.62
CA LYS A 42 2.67 15.83 -1.77
C LYS A 42 3.86 15.57 -0.88
N THR A 43 5.05 15.56 -1.51
CA THR A 43 6.30 15.32 -0.82
C THR A 43 6.60 16.36 0.24
N GLU A 44 6.40 17.62 -0.14
CA GLU A 44 6.53 18.74 0.86
C GLU A 44 5.57 18.55 2.05
N CYS A 45 4.32 18.17 1.79
CA CYS A 45 3.35 17.83 2.88
C CYS A 45 3.84 16.74 3.80
N LYS A 46 4.51 15.71 3.28
CA LYS A 46 4.99 14.68 4.17
C LYS A 46 6.18 15.17 5.01
N GLU A 47 7.07 15.92 4.38
CA GLU A 47 8.27 16.40 5.01
C GLU A 47 8.00 17.46 6.03
N ASP A 48 7.11 18.40 5.68
CA ASP A 48 6.90 19.62 6.46
C ASP A 48 5.96 19.35 7.63
N TYR A 49 4.90 18.58 7.38
CA TYR A 49 3.83 18.32 8.34
C TYR A 49 3.63 16.90 8.79
N PHE A 50 4.51 16.02 8.31
CA PHE A 50 4.49 14.61 8.68
C PHE A 50 3.14 13.98 8.47
N LEU A 51 2.48 14.32 7.39
CA LEU A 51 1.25 13.65 7.01
C LEU A 51 1.64 12.44 6.23
N THR A 52 0.75 11.48 6.16
CA THR A 52 1.11 10.19 5.54
C THR A 52 0.32 10.03 4.24
N ASP A 53 0.67 9.03 3.46
CA ASP A 53 -0.01 8.81 2.22
C ASP A 53 -1.46 8.58 2.36
N PRO A 54 -1.87 7.87 3.40
CA PRO A 54 -3.28 7.62 3.58
C PRO A 54 -4.06 8.89 3.80
N GLU A 55 -3.52 9.81 4.55
CA GLU A 55 -4.16 11.07 4.81
C GLU A 55 -4.25 11.91 3.54
N LEU A 56 -3.14 11.96 2.82
CA LEU A 56 -3.02 12.77 1.61
C LEU A 56 -3.76 12.18 0.40
N ASN A 57 -3.90 10.86 0.39
CA ASN A 57 -4.65 10.15 -0.65
C ASN A 57 -6.16 10.19 -0.45
N ASP A 58 -6.60 10.71 0.67
CA ASP A 58 -7.99 10.64 1.04
C ASP A 58 -8.59 11.84 0.31
N GLU A 59 -9.37 11.55 -0.72
CA GLU A 59 -10.10 12.56 -1.50
C GLU A 59 -11.05 13.41 -0.68
N ASP A 60 -11.53 12.91 0.45
CA ASP A 60 -12.46 13.70 1.28
C ASP A 60 -11.89 14.78 2.21
N LEU A 61 -10.61 14.64 2.48
CA LEU A 61 -9.93 15.34 3.48
C LEU A 61 -9.27 16.62 2.97
N PHE A 62 -8.79 16.63 1.75
CA PHE A 62 -8.06 17.79 1.14
C PHE A 62 -8.51 18.04 -0.24
N HIS A 63 -8.45 19.30 -0.64
CA HIS A 63 -8.60 19.65 -2.06
C HIS A 63 -7.26 19.44 -2.67
N ARG A 64 -7.17 19.15 -3.99
CA ARG A 64 -5.91 19.10 -4.57
C ARG A 64 -5.91 19.38 -6.04
N LEU A 65 -4.77 19.86 -6.50
CA LEU A 65 -4.50 20.14 -7.88
C LEU A 65 -3.42 19.22 -8.36
N GLU A 66 -3.72 18.53 -9.48
CA GLU A 66 -2.73 17.69 -10.19
C GLU A 66 -2.16 18.34 -11.41
N LYS A 67 -0.87 18.10 -11.64
CA LYS A 67 -0.19 18.57 -12.76
C LYS A 67 0.69 17.39 -13.29
N PRO A 68 1.13 17.46 -14.52
CA PRO A 68 2.11 16.50 -14.98
C PRO A 68 3.35 16.59 -14.12
N ASN A 69 3.97 15.47 -13.83
CA ASN A 69 5.21 15.43 -13.08
C ASN A 69 6.27 16.22 -13.77
N PRO A 70 6.99 17.09 -13.08
CA PRO A 70 7.89 17.94 -13.87
C PRO A 70 9.18 17.23 -14.31
N HIS A 71 9.46 16.05 -13.80
CA HIS A 71 10.63 15.27 -14.25
C HIS A 71 10.37 14.50 -15.49
N SER A 72 9.12 14.11 -15.73
CA SER A 72 8.67 13.42 -16.92
C SER A 72 7.14 13.16 -16.82
N GLY A 73 6.44 13.46 -17.89
CA GLY A 73 5.04 13.11 -17.97
C GLY A 73 4.69 11.62 -17.82
N THR A 74 5.66 10.74 -18.01
CA THR A 74 5.44 9.36 -17.74
C THR A 74 5.51 9.01 -16.25
N PHE A 75 6.01 9.92 -15.43
CA PHE A 75 6.02 9.68 -13.99
C PHE A 75 4.64 10.04 -13.38
N ALA A 76 4.44 9.56 -12.14
CA ALA A 76 3.21 9.80 -11.44
C ALA A 76 2.96 11.35 -11.31
N ARG A 77 1.70 11.75 -11.47
CA ARG A 77 1.37 13.19 -11.50
C ARG A 77 1.72 13.85 -10.17
N MET A 78 2.19 15.08 -10.28
CA MET A 78 2.41 15.91 -9.09
C MET A 78 1.06 16.33 -8.50
N GLN A 79 1.04 16.45 -7.21
CA GLN A 79 -0.15 16.70 -6.48
C GLN A 79 0.17 17.88 -5.58
N LEU A 80 -0.64 18.93 -5.70
CA LEU A 80 -0.47 20.18 -4.95
C LEU A 80 -1.63 20.47 -3.96
N PHE A 81 -1.28 20.80 -2.73
CA PHE A 81 -2.23 21.04 -1.65
C PHE A 81 -2.03 22.51 -1.28
N VAL A 82 -3.05 23.09 -0.64
CA VAL A 82 -2.95 24.45 -0.16
C VAL A 82 -2.53 24.44 1.31
N ARG A 83 -1.53 25.26 1.65
CA ARG A 83 -1.05 25.27 3.03
CA ARG A 83 -1.04 25.28 3.02
C ARG A 83 -2.12 25.36 4.10
N CYS A 84 -3.07 26.33 4.02
CA CYS A 84 -4.05 26.45 5.13
C CYS A 84 -4.75 25.08 5.41
N GLU A 85 -5.08 24.28 4.39
CA GLU A 85 -5.74 22.97 4.63
C GLU A 85 -4.83 21.96 5.27
N VAL A 86 -3.68 21.74 4.70
CA VAL A 86 -2.75 20.74 5.24
CA VAL A 86 -2.74 20.75 5.24
C VAL A 86 -2.24 21.16 6.63
N GLU A 87 -1.99 22.48 6.84
CA GLU A 87 -1.63 22.94 8.18
C GLU A 87 -2.71 22.73 9.23
N ALA A 88 -3.98 23.03 8.89
CA ALA A 88 -5.05 22.86 9.85
C ALA A 88 -5.11 21.38 10.29
N PHE A 89 -5.02 20.51 9.28
CA PHE A 89 -5.04 19.07 9.51
C PHE A 89 -3.88 18.59 10.44
N ALA A 90 -2.68 19.03 10.12
CA ALA A 90 -1.50 18.71 10.91
C ALA A 90 -1.51 19.25 12.34
N PHE A 91 -2.04 20.47 12.53
CA PHE A 91 -2.23 20.99 13.87
C PHE A 91 -3.22 20.14 14.65
N LYS A 92 -4.24 19.62 13.99
CA LYS A 92 -5.10 18.72 14.67
C LYS A 92 -4.44 17.39 14.99
N LYS A 93 -3.62 16.92 14.06
CA LYS A 93 -2.96 15.66 14.17
C LYS A 93 -1.94 15.64 15.26
N TRP A 94 -1.14 16.68 15.36
CA TRP A 94 0.02 16.67 16.22
C TRP A 94 -0.11 17.54 17.44
N GLY A 95 -1.23 18.23 17.64
CA GLY A 95 -1.35 19.19 18.76
C GLY A 95 -0.73 20.57 18.54
N GLY A 96 -1.14 21.26 17.47
CA GLY A 96 -0.76 22.65 17.22
C GLY A 96 0.59 22.67 16.61
N GLU A 97 1.11 23.89 16.41
CA GLU A 97 2.45 24.08 15.90
C GLU A 97 3.52 23.48 16.86
N GLU A 98 3.37 23.71 18.16
CA GLU A 98 4.30 23.11 19.19
C GLU A 98 4.31 21.56 19.17
N GLY A 99 3.14 20.96 19.05
CA GLY A 99 3.02 19.55 18.72
C GLY A 99 3.92 19.11 17.58
N LEU A 100 3.82 19.83 16.46
CA LEU A 100 4.62 19.50 15.29
C LEU A 100 6.12 19.59 15.56
N ASP A 101 6.53 20.69 16.20
CA ASP A 101 7.92 20.82 16.68
C ASP A 101 8.38 19.62 17.49
N GLU A 102 7.58 19.24 18.49
CA GLU A 102 7.89 18.05 19.27
C GLU A 102 8.22 16.88 18.34
N GLU A 103 7.32 16.65 17.37
CA GLU A 103 7.48 15.49 16.48
C GLU A 103 8.71 15.65 15.59
N TRP A 104 8.99 16.90 15.19
CA TRP A 104 10.24 17.24 14.47
C TRP A 104 11.45 16.76 15.33
N GLN A 105 11.50 17.26 16.57
CA GLN A 105 12.58 16.92 17.56
C GLN A 105 12.85 15.40 17.54
N ARG A 106 11.79 14.63 17.73
CA ARG A 106 11.84 13.18 17.97
CA ARG A 106 11.90 13.21 18.01
C ARG A 106 12.42 12.45 16.80
N ARG A 107 11.97 12.81 15.60
CA ARG A 107 12.45 12.06 14.41
C ARG A 107 13.94 12.28 14.16
N GLU A 108 14.43 13.50 14.41
CA GLU A 108 15.85 13.85 14.19
C GLU A 108 16.80 13.22 15.22
N GLU A 109 16.33 13.11 16.47
CA GLU A 109 17.00 12.27 17.48
C GLU A 109 17.11 10.83 16.99
N GLY A 110 16.05 10.32 16.36
CA GLY A 110 16.12 9.00 15.76
C GLY A 110 17.26 8.87 14.76
N LYS A 111 17.26 9.75 13.77
CA LYS A 111 18.23 9.76 12.65
C LYS A 111 19.68 10.05 13.13
N ALA A 112 19.80 10.87 14.19
CA ALA A 112 21.05 10.99 14.97
C ALA A 112 21.42 9.64 15.61
N HIS A 113 20.52 9.07 16.43
CA HIS A 113 20.71 7.72 17.02
C HIS A 113 21.07 6.66 15.92
N ARG A 114 20.36 6.67 14.78
CA ARG A 114 20.58 5.68 13.72
C ARG A 114 21.92 5.84 12.97
N ARG A 115 22.57 6.99 13.13
CA ARG A 115 24.05 7.10 13.05
C ARG A 115 24.58 7.15 14.51
N ALA B 1 -9.68 -41.48 -22.32
CA ALA B 1 -9.94 -41.72 -20.85
C ALA B 1 -8.84 -41.12 -19.88
N PRO B 2 -8.70 -39.79 -19.72
CA PRO B 2 -7.57 -39.05 -19.04
C PRO B 2 -7.29 -39.38 -17.56
N LYS B 3 -6.06 -39.74 -17.18
CA LYS B 3 -5.81 -40.28 -15.82
C LYS B 3 -5.05 -39.32 -14.89
N CYS B 4 -5.31 -39.43 -13.60
CA CYS B 4 -4.59 -38.72 -12.63
C CYS B 4 -3.10 -38.82 -12.83
N ILE B 5 -2.42 -37.72 -12.72
CA ILE B 5 -1.00 -37.71 -12.97
C ILE B 5 -0.19 -38.34 -11.85
N GLU B 6 -0.75 -38.51 -10.66
CA GLU B 6 -0.02 -39.15 -9.58
C GLU B 6 -0.17 -40.63 -9.66
N CYS B 7 -1.41 -41.15 -9.66
CA CYS B 7 -1.70 -42.56 -9.56
C CYS B 7 -1.84 -43.29 -10.87
N HIS B 8 -2.08 -42.53 -11.96
CA HIS B 8 -2.35 -43.10 -13.30
C HIS B 8 -3.55 -44.06 -13.40
N ILE B 9 -4.53 -43.93 -12.51
CA ILE B 9 -5.60 -44.89 -12.34
C ILE B 9 -6.91 -44.14 -12.33
N ASN B 10 -7.07 -43.18 -11.43
CA ASN B 10 -8.37 -42.48 -11.33
C ASN B 10 -8.61 -41.58 -12.58
N ILE B 11 -9.85 -41.50 -12.99
CA ILE B 11 -10.30 -40.59 -14.00
C ILE B 11 -11.14 -39.42 -13.47
N GLU B 12 -11.49 -39.41 -12.20
CA GLU B 12 -12.35 -38.37 -11.65
C GLU B 12 -11.37 -37.50 -10.85
N MET B 13 -11.11 -36.27 -11.34
CA MET B 13 -10.14 -35.35 -10.71
C MET B 13 -10.74 -34.55 -9.56
N ASP B 14 -9.90 -34.10 -8.60
CA ASP B 14 -10.40 -33.24 -7.47
C ASP B 14 -10.91 -31.94 -8.11
N PRO B 15 -12.16 -31.54 -7.82
CA PRO B 15 -12.69 -30.37 -8.56
C PRO B 15 -11.92 -29.10 -8.27
N VAL B 16 -11.43 -28.86 -7.04
CA VAL B 16 -10.64 -27.66 -6.79
C VAL B 16 -9.30 -27.67 -7.47
N LEU B 17 -8.57 -28.77 -7.34
CA LEU B 17 -7.28 -28.88 -7.94
C LEU B 17 -7.31 -28.83 -9.45
N HIS B 18 -8.38 -29.31 -10.05
CA HIS B 18 -8.48 -29.33 -11.48
C HIS B 18 -9.02 -28.00 -11.97
N ASP B 19 -10.12 -27.57 -11.41
CA ASP B 19 -10.84 -26.40 -11.95
C ASP B 19 -10.12 -25.11 -11.66
N VAL B 20 -9.57 -25.03 -10.47
CA VAL B 20 -8.98 -23.79 -9.99
C VAL B 20 -7.49 -23.84 -10.27
N PHE B 21 -6.84 -24.97 -9.97
CA PHE B 21 -5.42 -25.00 -9.99
C PHE B 21 -4.86 -25.69 -11.28
N LYS B 22 -5.72 -26.13 -12.18
CA LYS B 22 -5.32 -26.68 -13.46
C LYS B 22 -4.45 -27.94 -13.29
N LEU B 23 -4.76 -28.75 -12.30
CA LEU B 23 -3.99 -29.97 -12.02
C LEU B 23 -4.85 -31.20 -12.19
N GLN B 24 -4.36 -32.13 -12.96
CA GLN B 24 -5.09 -33.32 -13.36
C GLN B 24 -4.78 -34.37 -12.26
N VAL B 25 -5.38 -34.14 -11.09
CA VAL B 25 -5.05 -34.87 -9.86
C VAL B 25 -6.30 -35.25 -9.11
N CYS B 26 -6.40 -36.53 -8.76
CA CYS B 26 -7.53 -37.00 -7.97
C CYS B 26 -7.38 -36.59 -6.50
N LYS B 27 -8.51 -36.59 -5.82
CA LYS B 27 -8.70 -36.18 -4.41
C LYS B 27 -7.90 -37.08 -3.53
N GLN B 28 -7.89 -38.38 -3.80
CA GLN B 28 -7.11 -39.25 -2.94
C GLN B 28 -5.62 -38.97 -2.96
N CYS B 29 -5.08 -38.87 -4.16
CA CYS B 29 -3.67 -38.52 -4.40
C CYS B 29 -3.36 -37.09 -3.87
N SER B 30 -4.31 -36.20 -3.88
CA SER B 30 -4.05 -34.85 -3.33
C SER B 30 -3.78 -35.01 -1.81
N LYS B 31 -4.58 -35.83 -1.14
CA LYS B 31 -4.40 -36.10 0.28
C LYS B 31 -3.16 -36.89 0.60
N GLU B 32 -2.82 -37.81 -0.26
CA GLU B 32 -1.62 -38.60 -0.09
C GLU B 32 -0.34 -37.80 -0.41
N HIS B 33 -0.44 -36.62 -1.00
CA HIS B 33 0.71 -35.84 -1.40
C HIS B 33 0.62 -34.39 -1.02
N PRO B 34 0.47 -34.10 0.27
CA PRO B 34 0.34 -32.70 0.71
C PRO B 34 1.60 -31.83 0.39
N GLU B 35 2.75 -32.48 0.24
CA GLU B 35 4.00 -31.79 -0.17
C GLU B 35 3.90 -31.13 -1.53
N LYS B 36 2.99 -31.60 -2.38
CA LYS B 36 2.63 -30.96 -3.65
C LYS B 36 1.34 -30.24 -3.61
N TYR B 37 0.34 -30.81 -2.93
CA TYR B 37 -1.00 -30.42 -3.26
C TYR B 37 -1.75 -29.70 -2.17
N ALA B 38 -1.17 -29.50 -0.99
CA ALA B 38 -1.90 -28.87 0.09
C ALA B 38 -2.23 -27.45 -0.30
N LEU B 39 -3.41 -26.98 0.14
CA LEU B 39 -3.79 -25.55 0.03
C LEU B 39 -3.37 -24.74 1.28
N LEU B 40 -2.78 -23.60 1.05
CA LEU B 40 -2.18 -22.82 2.05
C LEU B 40 -2.81 -21.41 1.98
N THR B 41 -3.07 -20.87 3.12
CA THR B 41 -3.65 -19.54 3.20
C THR B 41 -2.62 -18.52 2.78
N LYS B 42 -3.07 -17.31 2.49
CA LYS B 42 -2.15 -16.26 2.22
C LYS B 42 -1.11 -16.03 3.36
N THR B 43 -1.60 -16.07 4.57
CA THR B 43 -0.81 -15.93 5.78
C THR B 43 0.24 -17.06 5.91
N GLU B 44 -0.19 -18.31 5.67
CA GLU B 44 0.76 -19.44 5.68
C GLU B 44 1.86 -19.28 4.60
N CYS B 45 1.52 -18.86 3.38
CA CYS B 45 2.48 -18.50 2.33
C CYS B 45 3.47 -17.45 2.73
N LYS B 46 3.06 -16.41 3.46
CA LYS B 46 4.02 -15.44 3.95
C LYS B 46 4.99 -16.03 5.04
N GLU B 47 4.43 -16.80 5.97
CA GLU B 47 5.14 -17.32 7.10
C GLU B 47 6.03 -18.41 6.65
N ASP B 48 5.53 -19.27 5.78
CA ASP B 48 6.29 -20.49 5.41
C ASP B 48 7.34 -20.20 4.35
N TYR B 49 7.00 -19.38 3.35
CA TYR B 49 7.80 -19.13 2.19
C TYR B 49 8.40 -17.71 2.00
N PHE B 50 8.11 -16.85 2.98
CA PHE B 50 8.59 -15.43 2.94
C PHE B 50 8.25 -14.77 1.62
N LEU B 51 7.09 -15.07 1.13
CA LEU B 51 6.48 -14.38 0.00
C LEU B 51 5.78 -13.14 0.49
N THR B 52 5.74 -12.10 -0.34
CA THR B 52 5.20 -10.79 0.15
C THR B 52 3.83 -10.52 -0.47
N ASP B 53 3.15 -9.50 0.01
CA ASP B 53 1.84 -9.20 -0.53
C ASP B 53 1.86 -8.93 -1.98
N PRO B 54 2.86 -8.21 -2.46
CA PRO B 54 2.92 -7.90 -3.87
C PRO B 54 3.01 -9.14 -4.71
N GLU B 55 3.77 -10.13 -4.30
CA GLU B 55 3.89 -11.37 -5.01
C GLU B 55 2.61 -12.20 -5.02
N LEU B 56 2.00 -12.31 -3.85
CA LEU B 56 0.75 -13.09 -3.68
C LEU B 56 -0.47 -12.44 -4.27
N ASN B 57 -0.41 -11.13 -4.43
CA ASN B 57 -1.52 -10.34 -4.98
C ASN B 57 -1.47 -10.31 -6.50
N ASP B 58 -0.42 -10.83 -7.08
CA ASP B 58 -0.20 -10.73 -8.48
C ASP B 58 -0.96 -11.92 -9.05
N GLU B 59 -2.09 -11.62 -9.68
CA GLU B 59 -2.97 -12.62 -10.32
C GLU B 59 -2.36 -13.35 -11.47
N ASP B 60 -1.26 -12.86 -12.04
CA ASP B 60 -0.55 -13.55 -13.13
C ASP B 60 0.32 -14.75 -12.71
N LEU B 61 0.68 -14.71 -11.43
CA LEU B 61 1.75 -15.45 -10.88
C LEU B 61 1.26 -16.73 -10.21
N PHE B 62 0.13 -16.72 -9.56
CA PHE B 62 -0.36 -17.91 -8.83
C PHE B 62 -1.81 -18.04 -9.20
N HIS B 63 -2.30 -19.26 -9.15
CA HIS B 63 -3.72 -19.52 -9.14
C HIS B 63 -4.16 -19.39 -7.65
N ARG B 64 -5.41 -19.05 -7.40
CA ARG B 64 -5.93 -19.04 -6.05
C ARG B 64 -7.40 -19.26 -5.96
N LEU B 65 -7.79 -19.77 -4.82
CA LEU B 65 -9.13 -20.03 -4.48
C LEU B 65 -9.49 -19.13 -3.32
N GLU B 66 -10.56 -18.38 -3.49
CA GLU B 66 -11.09 -17.57 -2.37
C GLU B 66 -12.30 -18.18 -1.72
N LYS B 67 -12.43 -17.95 -0.44
CA LYS B 67 -13.51 -18.41 0.34
C LYS B 67 -13.87 -17.30 1.34
N PRO B 68 -15.05 -17.41 1.94
CA PRO B 68 -15.34 -16.45 3.02
C PRO B 68 -14.40 -16.62 4.12
N ASN B 69 -14.04 -15.52 4.74
CA ASN B 69 -13.16 -15.54 5.89
C ASN B 69 -13.78 -16.32 7.01
N PRO B 70 -13.06 -17.30 7.62
CA PRO B 70 -13.72 -18.19 8.59
C PRO B 70 -14.05 -17.52 9.89
N HIS B 71 -13.37 -16.42 10.23
CA HIS B 71 -13.73 -15.65 11.40
C HIS B 71 -14.98 -14.84 11.27
N SER B 72 -15.30 -14.38 10.07
CA SER B 72 -16.45 -13.53 9.78
C SER B 72 -16.50 -13.20 8.28
N GLY B 73 -17.65 -13.38 7.69
CA GLY B 73 -17.86 -13.00 6.33
C GLY B 73 -17.70 -11.49 6.08
N THR B 74 -17.73 -10.65 7.12
CA THR B 74 -17.46 -9.24 6.91
C THR B 74 -16.00 -8.99 6.81
N PHE B 75 -15.14 -9.94 7.10
CA PHE B 75 -13.69 -9.71 6.97
C PHE B 75 -13.23 -10.10 5.58
N ALA B 76 -12.00 -9.72 5.28
CA ALA B 76 -11.45 -9.94 4.00
C ALA B 76 -11.44 -11.47 3.69
N ARG B 77 -11.81 -11.78 2.45
CA ARG B 77 -11.87 -13.17 2.00
C ARG B 77 -10.53 -13.94 2.21
N MET B 78 -10.68 -15.15 2.65
CA MET B 78 -9.54 -16.09 2.74
C MET B 78 -9.04 -16.44 1.31
N GLN B 79 -7.76 -16.52 1.16
CA GLN B 79 -7.13 -16.78 -0.09
C GLN B 79 -6.28 -18.06 0.08
N LEU B 80 -6.56 -19.07 -0.76
CA LEU B 80 -5.84 -20.35 -0.73
C LEU B 80 -5.00 -20.61 -2.01
N PHE B 81 -3.77 -21.04 -1.79
CA PHE B 81 -2.77 -21.25 -2.84
C PHE B 81 -2.38 -22.71 -2.73
N VAL B 82 -1.91 -23.25 -3.83
CA VAL B 82 -1.46 -24.65 -3.80
C VAL B 82 0.05 -24.73 -3.59
N ARG B 83 0.47 -25.62 -2.70
CA ARG B 83 1.86 -25.76 -2.34
C ARG B 83 2.81 -25.79 -3.51
N CYS B 84 2.58 -26.66 -4.48
CA CYS B 84 3.56 -26.84 -5.57
C CYS B 84 3.80 -25.45 -6.30
N GLU B 85 2.78 -24.60 -6.50
CA GLU B 85 3.03 -23.27 -7.11
C GLU B 85 3.82 -22.32 -6.23
N VAL B 86 3.38 -22.13 -5.00
CA VAL B 86 4.00 -21.28 -4.00
CA VAL B 86 4.08 -21.18 -4.15
C VAL B 86 5.47 -21.68 -3.80
N GLU B 87 5.66 -23.00 -3.62
CA GLU B 87 7.02 -23.52 -3.34
C GLU B 87 7.97 -23.31 -4.48
N ALA B 88 7.53 -23.55 -5.71
CA ALA B 88 8.42 -23.40 -6.82
C ALA B 88 8.83 -21.88 -6.93
N PHE B 89 7.84 -21.01 -6.69
CA PHE B 89 8.14 -19.59 -6.76
C PHE B 89 9.21 -19.19 -5.71
N ALA B 90 9.02 -19.67 -4.49
CA ALA B 90 9.90 -19.45 -3.36
C ALA B 90 11.30 -20.01 -3.49
N PHE B 91 11.40 -21.18 -4.08
CA PHE B 91 12.66 -21.77 -4.35
C PHE B 91 13.41 -20.89 -5.35
N LYS B 92 12.70 -20.35 -6.32
CA LYS B 92 13.23 -19.47 -7.33
C LYS B 92 13.73 -18.16 -6.73
N LYS B 93 12.92 -17.63 -5.84
CA LYS B 93 13.21 -16.43 -5.14
C LYS B 93 14.35 -16.49 -4.17
N TRP B 94 14.48 -17.61 -3.46
CA TRP B 94 15.42 -17.69 -2.37
C TRP B 94 16.63 -18.57 -2.63
N GLY B 95 16.71 -19.21 -3.80
CA GLY B 95 17.67 -20.27 -4.06
C GLY B 95 17.44 -21.57 -3.31
N GLY B 96 16.41 -22.30 -3.71
CA GLY B 96 16.19 -23.65 -3.25
C GLY B 96 15.70 -23.64 -1.84
N GLU B 97 15.54 -24.85 -1.32
CA GLU B 97 15.13 -25.06 0.06
C GLU B 97 16.20 -24.53 1.06
N GLU B 98 17.46 -24.72 0.69
CA GLU B 98 18.61 -24.25 1.50
C GLU B 98 18.59 -22.72 1.64
N GLY B 99 18.40 -22.07 0.50
CA GLY B 99 18.13 -20.66 0.47
C GLY B 99 17.06 -20.24 1.45
N LEU B 100 15.96 -20.99 1.50
CA LEU B 100 14.87 -20.66 2.41
C LEU B 100 15.23 -20.83 3.86
N ASP B 101 15.93 -21.90 4.20
CA ASP B 101 16.41 -22.15 5.57
C ASP B 101 17.40 -21.05 5.94
N GLU B 102 18.24 -20.60 5.02
CA GLU B 102 19.15 -19.51 5.30
C GLU B 102 18.36 -18.25 5.67
N GLU B 103 17.26 -18.00 4.99
CA GLU B 103 16.53 -16.82 5.23
C GLU B 103 15.78 -17.00 6.54
N TRP B 104 15.34 -18.24 6.87
CA TRP B 104 14.67 -18.56 8.15
C TRP B 104 15.60 -18.19 9.29
N GLN B 105 16.81 -18.75 9.17
CA GLN B 105 17.99 -18.48 10.01
C GLN B 105 18.19 -16.97 10.25
N ARG B 106 18.34 -16.20 9.16
CA ARG B 106 18.59 -14.76 9.22
C ARG B 106 17.51 -14.09 10.02
N ARG B 107 16.24 -14.49 9.82
CA ARG B 107 15.11 -13.80 10.47
C ARG B 107 14.98 -14.07 11.96
N GLU B 108 15.29 -15.29 12.39
CA GLU B 108 15.22 -15.62 13.83
C GLU B 108 16.33 -14.92 14.64
N GLU B 109 17.49 -14.79 14.01
CA GLU B 109 18.59 -13.98 14.55
C GLU B 109 18.17 -12.51 14.72
N GLY B 110 17.39 -11.96 13.82
CA GLY B 110 16.77 -10.67 14.06
C GLY B 110 15.93 -10.60 15.35
N LYS B 111 14.99 -11.54 15.50
CA LYS B 111 14.11 -11.60 16.72
C LYS B 111 14.92 -11.77 18.04
N ALA B 112 15.95 -12.64 18.00
CA ALA B 112 16.98 -12.72 19.07
C ALA B 112 17.71 -11.37 19.26
N HIS B 113 18.48 -10.92 18.26
CA HIS B 113 19.18 -9.60 18.26
C HIS B 113 18.22 -8.37 18.29
N ARG B 114 16.90 -8.60 18.52
CA ARG B 114 15.89 -7.62 18.98
C ARG B 114 15.12 -8.26 20.12
#